data_2Q1H
#
_entry.id   2Q1H
#
_cell.length_a   79.658
_cell.length_b   79.658
_cell.length_c   113.871
_cell.angle_alpha   90.00
_cell.angle_beta   90.00
_cell.angle_gamma   90.00
#
_symmetry.space_group_name_H-M   'P 43 21 2'
#
loop_
_entity.id
_entity.type
_entity.pdbx_description
1 polymer AncCR
2 non-polymer 'SODIUM ION'
3 non-polymer ALDOSTERONE
4 non-polymer GLYCEROL
5 water water
#
_entity_poly.entity_id   1
_entity_poly.type   'polypeptide(L)'
_entity_poly.pdbx_seq_one_letter_code
;GEFLISILEAIEPEVVYAGYDNSQPDTTNYLLSSLNRLAGKQMVSVVKWAKALPGFRNLHLDDQMTLIQYSWMSLMAFSL
GWRSYKHTNGQMLYFAPDLIFNEERMQQSAMYDLCQGMRQISQEFVRLQVTYEEFLCMKVLLLLSTVPKDGLKSQASFDE
MRMNYIKELRRAIAKKENNSSQNWQRFYQLTKLLDSMHDLVGGLLQFCFYTFVQSQALSVEFPEMLVEIISDQLPKVMAG
MAKPLLFHKK
;
_entity_poly.pdbx_strand_id   A
#
loop_
_chem_comp.id
_chem_comp.type
_chem_comp.name
_chem_comp.formula
AS4 non-polymer ALDOSTERONE 'C21 H28 O5'
GOL non-polymer GLYCEROL 'C3 H8 O3'
NA non-polymer 'SODIUM ION' 'Na 1'
#
# COMPACT_ATOMS: atom_id res chain seq x y z
N PHE A 3 3.88 -23.47 -0.82
CA PHE A 3 4.23 -23.25 -2.26
C PHE A 3 3.71 -21.89 -2.73
N LEU A 4 2.47 -21.57 -2.34
CA LEU A 4 1.89 -20.28 -2.72
C LEU A 4 2.73 -19.19 -2.06
N ILE A 5 3.10 -19.43 -0.81
CA ILE A 5 3.92 -18.48 -0.07
C ILE A 5 5.30 -18.39 -0.72
N SER A 6 5.85 -19.53 -1.12
CA SER A 6 7.17 -19.56 -1.76
C SER A 6 7.09 -18.75 -3.05
N ILE A 7 5.92 -18.75 -3.68
CA ILE A 7 5.71 -18.00 -4.92
C ILE A 7 5.67 -16.51 -4.61
N LEU A 8 5.03 -16.15 -3.50
CA LEU A 8 4.94 -14.75 -3.10
C LEU A 8 6.34 -14.22 -2.85
N GLU A 9 7.20 -15.05 -2.27
CA GLU A 9 8.57 -14.65 -1.99
C GLU A 9 9.33 -14.43 -3.29
N ALA A 10 9.01 -15.22 -4.30
CA ALA A 10 9.67 -15.14 -5.60
C ALA A 10 9.25 -13.93 -6.44
N ILE A 11 7.98 -13.55 -6.38
CA ILE A 11 7.53 -12.42 -7.17
C ILE A 11 7.59 -11.08 -6.42
N GLU A 12 8.01 -11.13 -5.16
CA GLU A 12 8.10 -9.90 -4.37
C GLU A 12 9.08 -8.97 -5.08
N PRO A 13 8.64 -7.75 -5.42
CA PRO A 13 9.47 -6.76 -6.11
C PRO A 13 10.79 -6.45 -5.42
N GLU A 14 11.80 -6.11 -6.21
CA GLU A 14 13.11 -5.75 -5.67
C GLU A 14 12.98 -4.30 -5.20
N VAL A 15 13.87 -3.88 -4.32
CA VAL A 15 13.83 -2.52 -3.80
C VAL A 15 13.84 -1.47 -4.93
N VAL A 16 13.03 -0.44 -4.76
CA VAL A 16 12.93 0.63 -5.75
C VAL A 16 13.57 1.89 -5.17
N TYR A 17 14.47 2.50 -5.93
CA TYR A 17 15.15 3.72 -5.49
C TYR A 17 14.34 4.93 -5.91
N ALA A 18 14.50 6.03 -5.19
CA ALA A 18 13.78 7.25 -5.52
C ALA A 18 14.47 8.06 -6.60
N GLY A 19 15.80 7.96 -6.69
CA GLY A 19 16.54 8.74 -7.67
C GLY A 19 16.60 10.15 -7.14
N TYR A 20 16.50 10.26 -5.82
CA TYR A 20 16.52 11.54 -5.11
C TYR A 20 17.90 12.21 -5.19
N ASP A 21 17.90 13.53 -5.33
CA ASP A 21 19.14 14.31 -5.42
C ASP A 21 19.31 15.12 -4.14
N ASN A 22 20.14 14.63 -3.24
CA ASN A 22 20.38 15.30 -1.96
C ASN A 22 21.07 16.66 -2.06
N SER A 23 21.50 17.05 -3.25
CA SER A 23 22.17 18.35 -3.40
C SER A 23 21.12 19.47 -3.50
N GLN A 24 19.86 19.09 -3.65
CA GLN A 24 18.77 20.06 -3.75
C GLN A 24 18.14 20.32 -2.39
N PRO A 25 17.65 21.56 -2.16
CA PRO A 25 17.01 21.92 -0.89
C PRO A 25 15.76 21.07 -0.67
N ASP A 26 15.54 20.65 0.58
CA ASP A 26 14.36 19.85 0.92
C ASP A 26 13.14 20.71 1.18
N THR A 27 12.59 21.30 0.12
CA THR A 27 11.40 22.12 0.24
C THR A 27 10.22 21.16 0.18
N THR A 28 9.05 21.63 0.55
CA THR A 28 7.88 20.77 0.47
C THR A 28 7.69 20.33 -0.98
N ASN A 29 7.84 21.27 -1.91
CA ASN A 29 7.68 20.98 -3.32
C ASN A 29 8.60 19.86 -3.80
N TYR A 30 9.87 19.93 -3.40
CA TYR A 30 10.82 18.91 -3.83
C TYR A 30 10.61 17.57 -3.15
N LEU A 31 10.32 17.58 -1.85
CA LEU A 31 10.09 16.33 -1.14
C LEU A 31 8.86 15.61 -1.68
N LEU A 32 7.76 16.34 -1.85
CA LEU A 32 6.54 15.71 -2.37
C LEU A 32 6.71 15.24 -3.81
N SER A 33 7.37 16.06 -4.64
CA SER A 33 7.61 15.68 -6.04
C SER A 33 8.49 14.43 -6.09
N SER A 34 9.49 14.37 -5.21
CA SER A 34 10.40 13.21 -5.17
C SER A 34 9.64 11.96 -4.76
N LEU A 35 8.73 12.08 -3.79
CA LEU A 35 7.94 10.93 -3.37
C LEU A 35 6.98 10.51 -4.49
N ASN A 36 6.46 11.48 -5.24
CA ASN A 36 5.56 11.15 -6.34
C ASN A 36 6.33 10.41 -7.43
N ARG A 37 7.58 10.83 -7.67
CA ARG A 37 8.39 10.15 -8.68
C ARG A 37 8.68 8.73 -8.20
N LEU A 38 8.95 8.58 -6.91
CA LEU A 38 9.21 7.26 -6.34
C LEU A 38 7.98 6.39 -6.54
N ALA A 39 6.81 6.97 -6.26
CA ALA A 39 5.53 6.26 -6.40
C ALA A 39 5.32 5.74 -7.82
N GLY A 40 5.72 6.55 -8.79
CA GLY A 40 5.58 6.16 -10.18
C GLY A 40 6.40 4.92 -10.47
N LYS A 41 7.64 4.91 -9.97
CA LYS A 41 8.54 3.78 -10.17
C LYS A 41 7.99 2.56 -9.42
N GLN A 42 7.41 2.81 -8.26
CA GLN A 42 6.85 1.71 -7.48
C GLN A 42 5.61 1.14 -8.15
N MET A 43 4.86 1.99 -8.84
CA MET A 43 3.65 1.56 -9.53
C MET A 43 3.99 0.50 -10.59
N VAL A 44 5.13 0.69 -11.26
CA VAL A 44 5.55 -0.25 -12.28
C VAL A 44 5.78 -1.62 -11.63
N SER A 45 6.46 -1.61 -10.49
CA SER A 45 6.75 -2.83 -9.75
C SER A 45 5.47 -3.50 -9.28
N VAL A 46 4.53 -2.68 -8.83
CA VAL A 46 3.24 -3.16 -8.32
C VAL A 46 2.43 -3.87 -9.41
N VAL A 47 2.31 -3.23 -10.58
CA VAL A 47 1.56 -3.82 -11.69
C VAL A 47 2.15 -5.16 -12.10
N LYS A 48 3.48 -5.20 -12.22
CA LYS A 48 4.18 -6.42 -12.60
C LYS A 48 3.93 -7.50 -11.55
N TRP A 49 4.00 -7.10 -10.28
CA TRP A 49 3.79 -8.01 -9.16
C TRP A 49 2.38 -8.60 -9.18
N ALA A 50 1.38 -7.74 -9.38
CA ALA A 50 -0.01 -8.18 -9.42
C ALA A 50 -0.25 -9.22 -10.51
N LYS A 51 0.27 -8.95 -11.71
CA LYS A 51 0.12 -9.84 -12.84
C LYS A 51 0.73 -11.22 -12.57
N ALA A 52 1.75 -11.27 -11.71
CA ALA A 52 2.41 -12.52 -11.40
C ALA A 52 1.75 -13.22 -10.22
N LEU A 53 0.77 -12.56 -9.61
CA LEU A 53 0.07 -13.13 -8.46
C LEU A 53 -0.87 -14.25 -8.86
N PRO A 54 -0.66 -15.46 -8.31
CA PRO A 54 -1.54 -16.59 -8.65
C PRO A 54 -3.01 -16.21 -8.45
N GLY A 55 -3.77 -16.24 -9.54
CA GLY A 55 -5.18 -15.92 -9.46
C GLY A 55 -5.58 -14.59 -10.07
N PHE A 56 -4.70 -13.59 -9.96
CA PHE A 56 -4.99 -12.26 -10.49
C PHE A 56 -5.32 -12.28 -11.98
N ARG A 57 -4.52 -13.01 -12.75
CA ARG A 57 -4.73 -13.12 -14.19
C ARG A 57 -6.10 -13.68 -14.55
N ASN A 58 -6.66 -14.50 -13.66
CA ASN A 58 -7.97 -15.11 -13.89
C ASN A 58 -9.13 -14.12 -13.80
N LEU A 59 -8.85 -12.92 -13.31
CA LEU A 59 -9.88 -11.89 -13.18
C LEU A 59 -10.01 -11.11 -14.48
N HIS A 60 -11.18 -10.52 -14.71
CA HIS A 60 -11.39 -9.74 -15.92
C HIS A 60 -10.36 -8.62 -15.96
N LEU A 61 -9.96 -8.20 -17.15
CA LEU A 61 -8.97 -7.14 -17.30
C LEU A 61 -9.40 -5.88 -16.57
N ASP A 62 -10.70 -5.59 -16.60
CA ASP A 62 -11.22 -4.40 -15.92
C ASP A 62 -11.12 -4.53 -14.40
N ASP A 63 -11.34 -5.73 -13.88
CA ASP A 63 -11.25 -5.95 -12.44
C ASP A 63 -9.80 -5.76 -12.00
N GLN A 64 -8.86 -6.20 -12.83
CA GLN A 64 -7.45 -6.06 -12.51
C GLN A 64 -7.10 -4.58 -12.39
N MET A 65 -7.49 -3.80 -13.38
CA MET A 65 -7.20 -2.36 -13.37
C MET A 65 -7.89 -1.69 -12.18
N THR A 66 -9.15 -2.02 -11.96
CA THR A 66 -9.93 -1.44 -10.87
C THR A 66 -9.28 -1.69 -9.51
N LEU A 67 -8.87 -2.93 -9.26
CA LEU A 67 -8.25 -3.30 -8.00
C LEU A 67 -6.93 -2.54 -7.77
N ILE A 68 -6.10 -2.45 -8.80
CA ILE A 68 -4.83 -1.74 -8.67
C ILE A 68 -5.13 -0.26 -8.41
N GLN A 69 -6.07 0.30 -9.16
CA GLN A 69 -6.45 1.70 -9.01
C GLN A 69 -6.93 2.04 -7.60
N TYR A 70 -7.73 1.17 -7.01
CA TYR A 70 -8.26 1.42 -5.68
C TYR A 70 -7.30 1.09 -4.52
N SER A 71 -6.33 0.23 -4.75
CA SER A 71 -5.45 -0.17 -3.66
C SER A 71 -3.98 0.21 -3.74
N TRP A 72 -3.54 0.86 -4.81
CA TRP A 72 -2.12 1.20 -4.91
C TRP A 72 -1.56 1.97 -3.70
N MET A 73 -2.32 2.92 -3.18
CA MET A 73 -1.84 3.70 -2.03
C MET A 73 -1.68 2.83 -0.79
N SER A 74 -2.65 1.94 -0.56
CA SER A 74 -2.58 1.05 0.60
C SER A 74 -1.37 0.13 0.46
N LEU A 75 -1.15 -0.39 -0.75
CA LEU A 75 -0.04 -1.29 -1.00
C LEU A 75 1.30 -0.60 -0.72
N MET A 76 1.46 0.60 -1.25
CA MET A 76 2.71 1.33 -1.06
C MET A 76 2.93 1.75 0.38
N ALA A 77 1.85 2.14 1.07
CA ALA A 77 1.96 2.53 2.48
C ALA A 77 2.29 1.33 3.35
N PHE A 78 1.71 0.18 3.04
CA PHE A 78 1.95 -1.04 3.81
C PHE A 78 3.40 -1.50 3.63
N SER A 79 3.88 -1.47 2.39
CA SER A 79 5.26 -1.86 2.09
C SER A 79 6.24 -0.88 2.75
N LEU A 80 5.86 0.39 2.79
CA LEU A 80 6.69 1.41 3.45
C LEU A 80 6.78 1.04 4.92
N GLY A 81 5.66 0.63 5.50
CA GLY A 81 5.64 0.25 6.89
C GLY A 81 6.59 -0.91 7.16
N TRP A 82 6.62 -1.85 6.23
CA TRP A 82 7.49 -3.02 6.36
C TRP A 82 8.97 -2.62 6.28
N ARG A 83 9.32 -1.83 5.28
CA ARG A 83 10.71 -1.39 5.12
C ARG A 83 11.19 -0.59 6.31
N SER A 84 10.33 0.29 6.83
CA SER A 84 10.69 1.11 7.98
C SER A 84 10.89 0.25 9.22
N TYR A 85 10.09 -0.80 9.30
CA TYR A 85 10.17 -1.75 10.40
C TYR A 85 11.49 -2.53 10.35
N LYS A 86 11.78 -3.13 9.20
CA LYS A 86 13.00 -3.92 9.03
C LYS A 86 14.30 -3.11 9.11
N HIS A 87 14.33 -1.94 8.49
CA HIS A 87 15.52 -1.10 8.47
C HIS A 87 15.73 -0.13 9.64
N THR A 88 14.65 0.39 10.20
CA THR A 88 14.81 1.35 11.29
C THR A 88 13.97 1.02 12.51
N ASN A 89 13.46 -0.21 12.56
CA ASN A 89 12.63 -0.64 13.67
C ASN A 89 11.47 0.35 13.89
N GLY A 90 10.98 0.91 12.78
CA GLY A 90 9.88 1.85 12.85
C GLY A 90 10.16 3.25 13.36
N GLN A 91 11.44 3.66 13.36
CA GLN A 91 11.79 4.99 13.85
C GLN A 91 11.75 6.05 12.74
N MET A 92 12.09 5.64 11.52
CA MET A 92 12.06 6.57 10.39
C MET A 92 11.29 5.94 9.25
N LEU A 93 10.86 6.77 8.31
CA LEU A 93 10.13 6.26 7.15
C LEU A 93 11.12 5.97 6.04
N TYR A 94 11.32 4.68 5.79
CA TYR A 94 12.25 4.22 4.77
C TYR A 94 11.57 4.17 3.39
N PHE A 95 11.26 5.34 2.83
CA PHE A 95 10.62 5.37 1.54
C PHE A 95 11.46 4.63 0.49
N ALA A 96 12.76 4.89 0.49
CA ALA A 96 13.67 4.25 -0.45
C ALA A 96 15.06 4.26 0.17
N PRO A 97 15.98 3.41 -0.33
CA PRO A 97 17.32 3.39 0.25
C PRO A 97 17.97 4.77 0.16
N ASP A 98 17.66 5.51 -0.90
CA ASP A 98 18.22 6.85 -1.10
C ASP A 98 17.34 7.99 -0.64
N LEU A 99 16.24 7.67 0.04
CA LEU A 99 15.34 8.71 0.53
C LEU A 99 14.64 8.25 1.81
N ILE A 100 15.29 8.52 2.94
CA ILE A 100 14.77 8.14 4.24
C ILE A 100 14.30 9.41 4.97
N PHE A 101 13.08 9.38 5.48
CA PHE A 101 12.52 10.53 6.18
C PHE A 101 12.75 10.51 7.68
N ASN A 102 13.45 11.53 8.16
CA ASN A 102 13.74 11.72 9.56
C ASN A 102 12.79 12.83 10.01
N GLU A 103 12.90 13.26 11.25
CA GLU A 103 12.05 14.34 11.78
C GLU A 103 12.04 15.56 10.87
N GLU A 104 13.23 15.99 10.45
CA GLU A 104 13.35 17.19 9.61
C GLU A 104 12.56 17.09 8.31
N ARG A 105 12.70 15.97 7.61
CA ARG A 105 11.97 15.81 6.36
C ARG A 105 10.47 15.69 6.59
N MET A 106 10.06 15.04 7.68
CA MET A 106 8.64 14.93 7.98
C MET A 106 8.07 16.32 8.20
N GLN A 107 8.85 17.19 8.84
CA GLN A 107 8.42 18.57 9.10
C GLN A 107 8.29 19.36 7.81
N GLN A 108 9.35 19.36 7.01
CA GLN A 108 9.36 20.13 5.77
C GLN A 108 8.44 19.56 4.68
N SER A 109 7.93 18.35 4.88
CA SER A 109 7.05 17.73 3.89
C SER A 109 5.65 18.33 3.90
N ALA A 110 5.32 19.05 4.97
CA ALA A 110 4.01 19.67 5.15
C ALA A 110 2.94 18.62 5.48
N MET A 111 3.35 17.35 5.61
CA MET A 111 2.41 16.28 5.93
C MET A 111 2.91 15.42 7.09
N TYR A 112 3.43 16.08 8.12
CA TYR A 112 3.95 15.40 9.30
C TYR A 112 2.95 14.39 9.88
N ASP A 113 1.71 14.81 10.06
CA ASP A 113 0.70 13.92 10.62
C ASP A 113 0.50 12.65 9.80
N LEU A 114 0.44 12.78 8.48
CA LEU A 114 0.27 11.60 7.63
C LEU A 114 1.51 10.72 7.77
N CYS A 115 2.68 11.35 7.90
CA CYS A 115 3.92 10.61 8.08
C CYS A 115 3.88 9.80 9.37
N GLN A 116 3.31 10.39 10.41
CA GLN A 116 3.20 9.69 11.68
C GLN A 116 2.19 8.55 11.57
N GLY A 117 1.15 8.77 10.79
CA GLY A 117 0.16 7.73 10.59
C GLY A 117 0.82 6.52 9.95
N MET A 118 1.67 6.77 8.98
CA MET A 118 2.37 5.69 8.30
C MET A 118 3.40 5.05 9.22
N ARG A 119 4.05 5.85 10.05
CA ARG A 119 5.04 5.32 10.97
C ARG A 119 4.34 4.40 12.00
N GLN A 120 3.09 4.74 12.33
CA GLN A 120 2.32 3.94 13.27
C GLN A 120 2.14 2.52 12.74
N ILE A 121 2.10 2.37 11.42
CA ILE A 121 1.97 1.05 10.83
C ILE A 121 3.22 0.25 11.15
N SER A 122 4.39 0.88 10.94
CA SER A 122 5.65 0.23 11.23
C SER A 122 5.69 -0.18 12.70
N GLN A 123 5.24 0.71 13.57
CA GLN A 123 5.22 0.45 15.00
C GLN A 123 4.34 -0.75 15.34
N GLU A 124 3.28 -0.96 14.57
CA GLU A 124 2.42 -2.12 14.81
C GLU A 124 3.16 -3.37 14.37
N PHE A 125 3.94 -3.26 13.30
CA PHE A 125 4.72 -4.40 12.83
C PHE A 125 5.68 -4.79 13.96
N VAL A 126 6.28 -3.77 14.58
CA VAL A 126 7.22 -3.99 15.68
C VAL A 126 6.52 -4.65 16.87
N ARG A 127 5.39 -4.09 17.28
CA ARG A 127 4.65 -4.61 18.43
C ARG A 127 4.24 -6.06 18.23
N LEU A 128 3.78 -6.39 17.03
CA LEU A 128 3.31 -7.73 16.73
C LEU A 128 4.40 -8.63 16.17
N GLN A 129 5.57 -8.06 15.92
CA GLN A 129 6.68 -8.82 15.35
C GLN A 129 6.19 -9.60 14.14
N VAL A 130 5.58 -8.90 13.20
CA VAL A 130 5.05 -9.50 11.99
C VAL A 130 6.15 -10.19 11.20
N THR A 131 5.90 -11.43 10.77
CA THR A 131 6.88 -12.19 10.01
C THR A 131 6.80 -11.81 8.55
N TYR A 132 7.85 -12.12 7.80
CA TYR A 132 7.89 -11.82 6.38
C TYR A 132 6.76 -12.56 5.66
N GLU A 133 6.48 -13.79 6.10
CA GLU A 133 5.41 -14.55 5.47
C GLU A 133 4.04 -13.91 5.73
N GLU A 134 3.82 -13.47 6.97
CA GLU A 134 2.54 -12.84 7.30
C GLU A 134 2.39 -11.57 6.47
N PHE A 135 3.46 -10.79 6.42
CA PHE A 135 3.47 -9.56 5.65
C PHE A 135 3.11 -9.80 4.19
N LEU A 136 3.72 -10.80 3.57
CA LEU A 136 3.44 -11.09 2.17
C LEU A 136 1.99 -11.45 1.92
N CYS A 137 1.40 -12.27 2.77
CA CYS A 137 0.00 -12.64 2.60
C CYS A 137 -0.91 -11.43 2.84
N MET A 138 -0.61 -10.65 3.87
CA MET A 138 -1.41 -9.47 4.18
C MET A 138 -1.41 -8.47 3.02
N LYS A 139 -0.25 -8.31 2.38
CA LYS A 139 -0.14 -7.37 1.27
C LYS A 139 -1.06 -7.78 0.12
N VAL A 140 -1.15 -9.07 -0.17
CA VAL A 140 -2.03 -9.53 -1.24
C VAL A 140 -3.47 -9.16 -0.88
N LEU A 141 -3.84 -9.39 0.37
CA LEU A 141 -5.18 -9.07 0.83
C LEU A 141 -5.54 -7.59 0.63
N LEU A 142 -4.54 -6.70 0.69
CA LEU A 142 -4.81 -5.28 0.49
C LEU A 142 -5.22 -5.04 -0.96
N LEU A 143 -4.58 -5.74 -1.89
CA LEU A 143 -4.91 -5.61 -3.31
C LEU A 143 -6.37 -6.05 -3.52
N LEU A 144 -6.85 -6.91 -2.62
CA LEU A 144 -8.20 -7.44 -2.70
C LEU A 144 -9.14 -6.93 -1.60
N SER A 145 -8.91 -5.72 -1.09
CA SER A 145 -9.75 -5.22 -0.02
C SER A 145 -10.50 -3.91 -0.27
N THR A 146 -10.39 -3.37 -1.47
CA THR A 146 -11.12 -2.16 -1.82
C THR A 146 -11.75 -2.48 -3.17
N VAL A 147 -13.07 -2.61 -3.19
CA VAL A 147 -13.78 -2.98 -4.41
C VAL A 147 -14.92 -2.04 -4.79
N PRO A 148 -15.40 -2.13 -6.03
CA PRO A 148 -16.50 -1.27 -6.49
C PRO A 148 -17.77 -1.69 -5.75
N LYS A 149 -18.57 -0.71 -5.33
CA LYS A 149 -19.80 -1.02 -4.63
C LYS A 149 -20.73 -1.85 -5.53
N ASP A 150 -20.60 -1.66 -6.84
CA ASP A 150 -21.44 -2.39 -7.79
C ASP A 150 -20.93 -3.78 -8.14
N GLY A 151 -19.82 -4.19 -7.52
CA GLY A 151 -19.29 -5.51 -7.78
C GLY A 151 -18.29 -5.60 -8.92
N LEU A 152 -17.65 -6.76 -9.01
CA LEU A 152 -16.65 -7.02 -10.04
C LEU A 152 -17.23 -7.90 -11.14
N LYS A 153 -16.52 -8.00 -12.26
CA LYS A 153 -16.99 -8.81 -13.37
C LYS A 153 -16.69 -10.29 -13.13
N SER A 154 -15.60 -10.56 -12.42
CA SER A 154 -15.22 -11.95 -12.11
C SER A 154 -15.36 -12.18 -10.62
N GLN A 155 -16.48 -11.71 -10.07
CA GLN A 155 -16.76 -11.83 -8.65
C GLN A 155 -16.43 -13.21 -8.08
N ALA A 156 -17.00 -14.25 -8.69
CA ALA A 156 -16.77 -15.62 -8.23
C ALA A 156 -15.27 -15.94 -8.12
N SER A 157 -14.52 -15.63 -9.16
CA SER A 157 -13.09 -15.90 -9.15
C SER A 157 -12.41 -15.06 -8.07
N PHE A 158 -12.86 -13.81 -7.94
CA PHE A 158 -12.31 -12.90 -6.93
C PHE A 158 -12.49 -13.46 -5.53
N ASP A 159 -13.73 -13.84 -5.19
CA ASP A 159 -14.02 -14.38 -3.87
C ASP A 159 -13.12 -15.57 -3.56
N GLU A 160 -12.97 -16.45 -4.55
CA GLU A 160 -12.15 -17.64 -4.40
C GLU A 160 -10.69 -17.27 -4.15
N MET A 161 -10.19 -16.32 -4.92
CA MET A 161 -8.81 -15.85 -4.77
C MET A 161 -8.60 -15.28 -3.37
N ARG A 162 -9.49 -14.38 -2.97
CA ARG A 162 -9.38 -13.77 -1.65
C ARG A 162 -9.36 -14.79 -0.53
N MET A 163 -10.27 -15.75 -0.57
CA MET A 163 -10.32 -16.77 0.46
C MET A 163 -9.03 -17.58 0.49
N ASN A 164 -8.48 -17.87 -0.68
CA ASN A 164 -7.24 -18.65 -0.73
C ASN A 164 -6.11 -17.93 0.02
N TYR A 165 -5.96 -16.63 -0.20
CA TYR A 165 -4.90 -15.88 0.46
C TYR A 165 -5.18 -15.67 1.94
N ILE A 166 -6.46 -15.63 2.33
CA ILE A 166 -6.79 -15.48 3.73
C ILE A 166 -6.34 -16.78 4.40
N LYS A 167 -6.63 -17.91 3.76
CA LYS A 167 -6.21 -19.19 4.32
C LYS A 167 -4.70 -19.28 4.36
N GLU A 168 -4.05 -18.76 3.34
CA GLU A 168 -2.59 -18.78 3.27
C GLU A 168 -2.03 -18.00 4.46
N LEU A 169 -2.72 -16.91 4.80
CA LEU A 169 -2.31 -16.08 5.94
C LEU A 169 -2.40 -16.88 7.24
N ARG A 170 -3.49 -17.62 7.41
CA ARG A 170 -3.64 -18.42 8.62
C ARG A 170 -2.55 -19.48 8.68
N ARG A 171 -2.12 -19.94 7.51
CA ARG A 171 -1.06 -20.92 7.43
C ARG A 171 0.22 -20.28 7.96
N ALA A 172 0.51 -19.07 7.49
CA ALA A 172 1.70 -18.33 7.93
C ALA A 172 1.65 -18.13 9.44
N ILE A 173 0.45 -17.86 9.95
CA ILE A 173 0.26 -17.64 11.37
C ILE A 173 0.60 -18.90 12.15
N ALA A 174 0.10 -20.04 11.67
CA ALA A 174 0.34 -21.32 12.32
C ALA A 174 1.82 -21.70 12.25
N ASN A 178 2.05 -22.70 18.75
CA ASN A 178 0.92 -22.06 19.41
C ASN A 178 -0.35 -22.89 19.26
N ASN A 179 -1.23 -22.83 20.25
CA ASN A 179 -2.47 -23.58 20.18
C ASN A 179 -3.41 -22.84 19.23
N SER A 180 -4.58 -23.42 18.97
CA SER A 180 -5.53 -22.80 18.06
C SER A 180 -6.01 -21.42 18.52
N SER A 181 -6.27 -21.28 19.81
CA SER A 181 -6.75 -20.00 20.34
C SER A 181 -5.71 -18.90 20.13
N GLN A 182 -4.43 -19.26 20.24
CA GLN A 182 -3.35 -18.29 20.03
C GLN A 182 -3.30 -17.91 18.55
N ASN A 183 -3.60 -18.88 17.67
CA ASN A 183 -3.62 -18.60 16.24
C ASN A 183 -4.80 -17.69 15.92
N TRP A 184 -5.93 -17.93 16.57
CA TRP A 184 -7.12 -17.10 16.35
C TRP A 184 -6.81 -15.67 16.77
N GLN A 185 -6.19 -15.52 17.93
CA GLN A 185 -5.85 -14.22 18.44
C GLN A 185 -4.96 -13.47 17.45
N ARG A 186 -3.95 -14.14 16.89
CA ARG A 186 -3.08 -13.47 15.95
C ARG A 186 -3.82 -13.10 14.68
N PHE A 187 -4.73 -13.96 14.23
CA PHE A 187 -5.51 -13.66 13.03
C PHE A 187 -6.32 -12.39 13.32
N TYR A 188 -6.88 -12.32 14.52
CA TYR A 188 -7.68 -11.17 14.93
C TYR A 188 -6.85 -9.88 14.88
N GLN A 189 -5.66 -9.93 15.47
CA GLN A 189 -4.77 -8.77 15.50
C GLN A 189 -4.24 -8.34 14.14
N LEU A 190 -3.85 -9.31 13.32
CA LEU A 190 -3.33 -8.97 12.01
C LEU A 190 -4.42 -8.40 11.10
N THR A 191 -5.65 -8.92 11.22
CA THR A 191 -6.73 -8.40 10.38
C THR A 191 -7.20 -7.04 10.91
N LYS A 192 -6.93 -6.77 12.19
CA LYS A 192 -7.28 -5.47 12.74
C LYS A 192 -6.33 -4.47 12.09
N LEU A 193 -5.06 -4.87 11.93
CA LEU A 193 -4.09 -3.99 11.29
C LEU A 193 -4.54 -3.73 9.85
N LEU A 194 -4.97 -4.78 9.16
CA LEU A 194 -5.44 -4.62 7.77
C LEU A 194 -6.59 -3.61 7.70
N ASP A 195 -7.59 -3.76 8.57
CA ASP A 195 -8.71 -2.84 8.57
C ASP A 195 -8.27 -1.41 8.86
N SER A 196 -7.25 -1.24 9.71
CA SER A 196 -6.78 0.10 10.07
C SER A 196 -6.18 0.85 8.87
N MET A 197 -5.83 0.13 7.81
CA MET A 197 -5.26 0.78 6.64
C MET A 197 -6.25 1.70 5.93
N HIS A 198 -7.54 1.36 5.95
CA HIS A 198 -8.54 2.17 5.27
C HIS A 198 -8.59 3.62 5.72
N ASP A 199 -8.61 3.87 7.03
CA ASP A 199 -8.66 5.24 7.51
C ASP A 199 -7.38 5.99 7.16
N LEU A 200 -6.25 5.33 7.34
CA LEU A 200 -4.97 5.96 7.01
C LEU A 200 -4.96 6.35 5.53
N VAL A 201 -5.27 5.38 4.68
CA VAL A 201 -5.28 5.59 3.24
C VAL A 201 -6.24 6.71 2.85
N GLY A 202 -7.35 6.83 3.56
CA GLY A 202 -8.29 7.90 3.28
C GLY A 202 -7.59 9.25 3.40
N GLY A 203 -6.76 9.39 4.42
CA GLY A 203 -6.03 10.62 4.63
C GLY A 203 -4.92 10.82 3.61
N LEU A 204 -4.23 9.74 3.26
CA LEU A 204 -3.16 9.80 2.27
C LEU A 204 -3.72 10.20 0.90
N LEU A 205 -4.81 9.55 0.50
CA LEU A 205 -5.42 9.85 -0.80
C LEU A 205 -5.98 11.27 -0.84
N GLN A 206 -6.48 11.76 0.28
CA GLN A 206 -7.04 13.12 0.30
C GLN A 206 -5.96 14.13 -0.05
N PHE A 207 -4.78 13.99 0.55
CA PHE A 207 -3.70 14.93 0.26
C PHE A 207 -3.13 14.70 -1.13
N CYS A 208 -3.10 13.44 -1.57
CA CYS A 208 -2.60 13.08 -2.90
C CYS A 208 -3.50 13.72 -3.97
N PHE A 209 -4.82 13.55 -3.81
CA PHE A 209 -5.77 14.12 -4.76
C PHE A 209 -5.72 15.64 -4.76
N TYR A 210 -5.60 16.23 -3.57
CA TYR A 210 -5.56 17.68 -3.42
C TYR A 210 -4.34 18.31 -4.11
N THR A 211 -3.17 17.74 -3.90
CA THR A 211 -1.97 18.26 -4.54
C THR A 211 -1.97 17.92 -6.02
N PHE A 212 -2.60 16.81 -6.38
CA PHE A 212 -2.68 16.41 -7.78
C PHE A 212 -3.51 17.44 -8.53
N VAL A 213 -4.70 17.72 -8.00
CA VAL A 213 -5.60 18.70 -8.63
C VAL A 213 -4.92 20.05 -8.83
N GLN A 214 -4.10 20.46 -7.87
CA GLN A 214 -3.41 21.74 -7.99
C GLN A 214 -1.91 21.59 -8.21
N SER A 215 -1.54 20.52 -8.92
CA SER A 215 -0.15 20.21 -9.23
C SER A 215 0.65 21.39 -9.74
N GLN A 216 0.18 22.02 -10.82
CA GLN A 216 0.89 23.15 -11.39
C GLN A 216 0.94 24.37 -10.47
N ALA A 217 -0.21 24.76 -9.94
CA ALA A 217 -0.28 25.92 -9.06
C ALA A 217 0.55 25.77 -7.78
N LEU A 218 0.69 24.54 -7.30
CA LEU A 218 1.46 24.31 -6.08
C LEU A 218 2.86 23.80 -6.37
N SER A 219 3.16 23.63 -7.66
CA SER A 219 4.46 23.13 -8.09
C SER A 219 4.83 21.79 -7.46
N VAL A 220 3.89 20.86 -7.49
CA VAL A 220 4.13 19.52 -6.96
C VAL A 220 3.97 18.61 -8.17
N GLU A 221 5.09 18.04 -8.62
CA GLU A 221 5.11 17.18 -9.78
C GLU A 221 4.66 15.75 -9.57
N PHE A 222 3.96 15.21 -10.57
CA PHE A 222 3.48 13.84 -10.58
C PHE A 222 3.89 13.23 -11.91
N PRO A 223 4.47 12.01 -11.91
CA PRO A 223 4.87 11.38 -13.16
C PRO A 223 3.67 10.85 -13.92
N GLU A 224 3.81 10.71 -15.24
CA GLU A 224 2.72 10.21 -16.09
C GLU A 224 2.10 8.91 -15.58
N MET A 225 2.95 8.02 -15.07
CA MET A 225 2.50 6.73 -14.55
C MET A 225 1.44 6.92 -13.47
N LEU A 226 1.56 8.01 -12.71
CA LEU A 226 0.62 8.30 -11.62
C LEU A 226 -0.57 9.15 -12.08
N VAL A 227 -0.28 10.15 -12.91
CA VAL A 227 -1.30 11.06 -13.42
C VAL A 227 -2.47 10.33 -14.09
N GLU A 228 -2.14 9.35 -14.92
CA GLU A 228 -3.17 8.59 -15.62
C GLU A 228 -4.07 7.86 -14.64
N ILE A 229 -3.46 7.15 -13.71
CA ILE A 229 -4.18 6.38 -12.71
C ILE A 229 -5.03 7.25 -11.79
N ILE A 230 -4.42 8.31 -11.25
CA ILE A 230 -5.14 9.22 -10.35
C ILE A 230 -6.26 9.94 -11.08
N SER A 231 -5.99 10.34 -12.32
CA SER A 231 -6.97 11.04 -13.12
C SER A 231 -8.28 10.25 -13.21
N ASP A 232 -8.17 8.94 -13.35
CA ASP A 232 -9.34 8.07 -13.43
C ASP A 232 -9.87 7.67 -12.06
N GLN A 233 -8.96 7.35 -11.14
CA GLN A 233 -9.33 6.94 -9.79
C GLN A 233 -10.06 8.01 -8.99
N LEU A 234 -9.53 9.24 -9.03
CA LEU A 234 -10.11 10.34 -8.27
C LEU A 234 -11.62 10.50 -8.40
N PRO A 235 -12.13 10.66 -9.63
CA PRO A 235 -13.59 10.81 -9.74
C PRO A 235 -14.37 9.62 -9.16
N LYS A 236 -13.89 8.41 -9.42
CA LYS A 236 -14.56 7.21 -8.89
C LYS A 236 -14.62 7.25 -7.37
N VAL A 237 -13.48 7.53 -6.73
CA VAL A 237 -13.43 7.59 -5.28
C VAL A 237 -14.28 8.74 -4.74
N MET A 238 -14.19 9.90 -5.40
CA MET A 238 -14.95 11.07 -4.98
C MET A 238 -16.46 10.84 -5.06
N ALA A 239 -16.88 10.05 -6.04
CA ALA A 239 -18.30 9.76 -6.22
C ALA A 239 -18.77 8.67 -5.24
N GLY A 240 -17.83 8.12 -4.48
CA GLY A 240 -18.16 7.08 -3.52
C GLY A 240 -18.48 5.75 -4.17
N MET A 241 -17.77 5.42 -5.23
CA MET A 241 -17.98 4.17 -5.95
C MET A 241 -17.30 2.95 -5.34
N ALA A 242 -16.37 3.18 -4.42
CA ALA A 242 -15.64 2.08 -3.80
C ALA A 242 -16.02 1.87 -2.33
N LYS A 243 -15.78 0.65 -1.86
CA LYS A 243 -16.07 0.30 -0.48
C LYS A 243 -14.99 -0.66 0.00
N PRO A 244 -14.72 -0.67 1.32
CA PRO A 244 -13.70 -1.57 1.85
C PRO A 244 -14.33 -2.93 2.19
N LEU A 245 -13.50 -3.97 2.17
CA LEU A 245 -13.97 -5.30 2.55
C LEU A 245 -13.29 -5.50 3.91
N LEU A 246 -14.02 -5.22 4.96
CA LEU A 246 -13.50 -5.31 6.33
C LEU A 246 -13.52 -6.71 6.92
N PHE A 247 -12.67 -6.90 7.92
CA PHE A 247 -12.55 -8.18 8.63
C PHE A 247 -13.24 -8.11 9.98
N HIS A 248 -13.50 -6.90 10.46
CA HIS A 248 -14.10 -6.69 11.78
C HIS A 248 -15.28 -5.72 11.79
N LYS A 249 -16.10 -5.82 12.83
CA LYS A 249 -17.25 -4.93 13.01
C LYS A 249 -16.77 -3.59 13.55
NA NA B . -14.57 -3.76 -12.65
NA NA C . 2.04 0.05 18.03
C1 AS4 D . 2.14 10.29 0.00
C5 AS4 D . 3.62 11.06 -1.87
C6 AS4 D . 1.43 10.50 -2.43
C7 AS4 D . 3.95 7.24 -1.45
C8 AS4 D . 3.81 6.42 -0.33
C9 AS4 D . 4.74 5.42 -0.06
C10 AS4 D . 5.79 5.12 -0.93
C15 AS4 D . 3.04 6.73 -2.56
C16 AS4 D . 0.55 12.08 0.12
C17 AS4 D . 1.74 12.44 -0.77
C18 AS4 D . 1.35 13.48 -1.84
C19 AS4 D . 2.51 14.13 -2.58
C20 AS4 D . 0.70 10.59 0.42
C AS4 D . 2.23 11.10 -1.29
C2 AS4 D . 2.33 8.82 -0.33
C3 AS4 D . 3.62 8.70 -1.13
C4 AS4 D . 3.59 9.61 -2.35
O AS4 D . 2.30 9.49 -2.97
O1 AS4 D . 1.19 11.49 -3.45
O2 AS4 D . 6.64 4.29 -0.60
C11 AS4 D . 5.91 5.82 -2.13
C12 AS4 D . 5.39 7.24 -1.93
C13 AS4 D . 2.79 6.59 0.59
C14 AS4 D . 2.56 8.05 0.95
O3 AS4 D . 0.22 13.96 -1.88
O4 AS4 D . 1.99 15.07 -3.53
C1 GOL E . -11.94 -18.92 8.17
O1 GOL E . -12.65 -18.67 9.38
C2 GOL E . -10.78 -17.95 8.04
O2 GOL E . -11.23 -16.60 8.17
C3 GOL E . -10.09 -18.13 6.68
O3 GOL E . -9.52 -19.44 6.60
C1 GOL F . 19.24 0.01 8.20
O1 GOL F . 19.08 1.35 8.67
C2 GOL F . 20.17 -0.01 6.99
O2 GOL F . 19.63 0.80 5.95
C3 GOL F . 20.34 -1.45 6.49
O3 GOL F . 21.21 -1.47 5.36
#